data_7Z21
#
_entry.id   7Z21
#
_cell.length_a   63.11
_cell.length_b   75.073
_cell.length_c   65.034
_cell.angle_alpha   90
_cell.angle_beta   114.19
_cell.angle_gamma   90
#
_symmetry.space_group_name_H-M   'P 1 21 1'
#
loop_
_entity.id
_entity.type
_entity.pdbx_description
1 polymer 'Barrier-to-autointegration factor, N-terminally processed'
2 polymer Lamin-A/C
3 non-polymer 'CHLORIDE ION'
4 water water
#
loop_
_entity_poly.entity_id
_entity_poly.type
_entity_poly.pdbx_seq_one_letter_code
_entity_poly.pdbx_strand_id
1 'polypeptide(L)'
;GTTSQKHRDFVTEPMGEKPVGSLAGIGEVLGKKLEERGFDKAYVVLGQFLVLKKDEDLFREWLKDTAGANAKQSRDAFGA
LREWADAFL
;
A,B,C,D
2 'polypeptide(L)'
;GGGSVTKKRKLESTESRSSFSQHARTSGRVAVEEVDEEGKFVRLRNKSNEDQSMGNWQIKRQNGDDPLLTYRFPPKFTLK
AGQVVTIWAAGAGATHSPPTDLVWKAQNTWG(CSX)GNSLRTALINSTGEEVAMRKLVRSVTVVEDDEDEDGDDLLHHHH
;
E,F
#
# COMPACT_ATOMS: atom_id res chain seq x y z
N THR A 2 3.64 5.26 12.70
CA THR A 2 3.96 4.52 13.91
C THR A 2 3.53 3.05 13.81
N THR A 3 3.03 2.54 12.65
CA THR A 3 2.81 1.08 12.49
C THR A 3 4.22 0.50 12.37
N SER A 4 4.51 -0.54 13.13
CA SER A 4 5.84 -1.13 13.16
C SER A 4 6.16 -1.86 11.87
N GLN A 5 7.45 -2.15 11.62
CA GLN A 5 7.82 -2.93 10.45
C GLN A 5 7.23 -4.34 10.54
N LYS A 6 7.06 -4.87 11.78
CA LYS A 6 6.42 -6.17 12.00
C LYS A 6 4.94 -6.09 11.58
N HIS A 7 4.24 -5.02 11.95
CA HIS A 7 2.82 -4.82 11.57
C HIS A 7 2.65 -4.81 10.05
N ARG A 8 3.51 -4.08 9.36
N ARG A 8 3.53 -4.09 9.36
CA ARG A 8 3.42 -3.91 7.92
CA ARG A 8 3.44 -3.91 7.92
C ARG A 8 3.69 -5.23 7.21
C ARG A 8 3.70 -5.23 7.20
N ASP A 9 4.69 -6.00 7.65
CA ASP A 9 4.98 -7.31 7.04
C ASP A 9 3.87 -8.34 7.33
N PHE A 10 3.13 -8.19 8.44
CA PHE A 10 2.09 -9.13 8.82
C PHE A 10 0.77 -8.91 8.10
N VAL A 11 0.26 -7.67 8.10
CA VAL A 11 -1.07 -7.38 7.53
C VAL A 11 -1.13 -7.41 6.01
N THR A 12 0.00 -7.43 5.33
CA THR A 12 0.06 -7.31 3.88
C THR A 12 -0.02 -8.63 3.13
N GLU A 13 0.05 -9.77 3.83
CA GLU A 13 -0.02 -11.07 3.16
C GLU A 13 -0.64 -12.15 4.05
N PRO A 14 -1.07 -13.30 3.49
CA PRO A 14 -1.59 -14.39 4.34
C PRO A 14 -0.55 -14.82 5.38
N MET A 15 -1.01 -15.13 6.60
CA MET A 15 -0.08 -15.47 7.68
C MET A 15 0.45 -16.89 7.60
N GLY A 16 -0.31 -17.81 7.00
CA GLY A 16 0.13 -19.19 6.86
C GLY A 16 0.64 -19.82 8.15
N GLU A 17 1.87 -20.34 8.12
CA GLU A 17 2.51 -20.99 9.28
C GLU A 17 3.47 -20.05 10.01
N LYS A 18 3.29 -18.71 9.91
CA LYS A 18 4.20 -17.79 10.59
C LYS A 18 4.17 -17.98 12.10
N PRO A 19 5.34 -17.87 12.77
CA PRO A 19 5.36 -17.97 14.23
C PRO A 19 4.64 -16.81 14.90
N VAL A 20 4.22 -17.01 16.15
CA VAL A 20 3.48 -15.99 16.88
C VAL A 20 4.25 -14.65 16.97
N GLY A 21 5.58 -14.72 16.99
CA GLY A 21 6.43 -13.55 17.02
C GLY A 21 6.33 -12.64 15.81
N SER A 22 5.79 -13.13 14.67
CA SER A 22 5.61 -12.31 13.48
CA SER A 22 5.61 -12.31 13.48
C SER A 22 4.47 -11.29 13.67
N LEU A 23 3.56 -11.52 14.64
CA LEU A 23 2.45 -10.64 14.89
C LEU A 23 2.94 -9.40 15.64
N ALA A 24 2.49 -8.19 15.22
CA ALA A 24 2.82 -6.90 15.86
C ALA A 24 2.54 -6.97 17.37
N GLY A 25 3.37 -6.32 18.19
CA GLY A 25 3.21 -6.32 19.63
C GLY A 25 3.78 -7.54 20.32
N ILE A 26 3.95 -8.66 19.58
CA ILE A 26 4.48 -9.88 20.17
C ILE A 26 6.01 -9.92 20.21
N GLY A 27 6.58 -9.39 21.29
CA GLY A 27 8.03 -9.41 21.51
C GLY A 27 8.55 -10.78 21.88
N GLU A 28 9.88 -10.92 22.10
CA GLU A 28 10.46 -12.22 22.43
C GLU A 28 9.90 -12.85 23.73
N VAL A 29 9.72 -12.05 24.79
CA VAL A 29 9.21 -12.58 26.06
C VAL A 29 7.75 -12.97 25.90
N LEU A 30 6.95 -12.06 25.33
CA LEU A 30 5.53 -12.31 25.13
C LEU A 30 5.29 -13.54 24.22
N GLY A 31 6.10 -13.67 23.17
CA GLY A 31 6.02 -14.78 22.25
C GLY A 31 6.31 -16.11 22.92
N LYS A 32 7.36 -16.15 23.74
CA LYS A 32 7.73 -17.37 24.45
C LYS A 32 6.61 -17.80 25.41
N LYS A 33 6.00 -16.83 26.11
CA LYS A 33 4.90 -17.13 27.03
C LYS A 33 3.66 -17.63 26.28
N LEU A 34 3.37 -17.10 25.10
CA LEU A 34 2.26 -17.57 24.25
C LEU A 34 2.55 -18.98 23.74
N GLU A 35 3.79 -19.23 23.26
CA GLU A 35 4.21 -20.56 22.80
C GLU A 35 4.05 -21.60 23.91
N GLU A 36 4.46 -21.24 25.13
CA GLU A 36 4.37 -22.10 26.31
C GLU A 36 2.94 -22.53 26.64
N ARG A 37 1.92 -21.76 26.21
CA ARG A 37 0.51 -22.09 26.45
C ARG A 37 -0.26 -22.53 25.18
N GLY A 38 0.46 -22.98 24.16
CA GLY A 38 -0.14 -23.51 22.94
C GLY A 38 -0.51 -22.51 21.86
N PHE A 39 0.00 -21.28 21.98
CA PHE A 39 -0.24 -20.23 20.98
C PHE A 39 1.09 -20.00 20.29
N ASP A 40 1.50 -21.02 19.55
N ASP A 40 1.52 -21.07 19.58
CA ASP A 40 2.82 -21.10 18.90
CA ASP A 40 2.82 -21.16 18.89
C ASP A 40 2.91 -20.42 17.54
C ASP A 40 2.90 -20.39 17.57
N LYS A 41 1.81 -20.40 16.80
CA LYS A 41 1.76 -19.76 15.49
C LYS A 41 0.82 -18.57 15.55
N ALA A 42 1.03 -17.61 14.66
CA ALA A 42 0.19 -16.42 14.59
C ALA A 42 -1.27 -16.77 14.34
N TYR A 43 -1.53 -17.85 13.57
CA TYR A 43 -2.89 -18.28 13.28
C TYR A 43 -3.65 -18.75 14.53
N VAL A 44 -2.93 -19.19 15.58
CA VAL A 44 -3.58 -19.65 16.81
C VAL A 44 -4.12 -18.42 17.55
N VAL A 45 -3.36 -17.31 17.58
CA VAL A 45 -3.79 -16.06 18.19
C VAL A 45 -4.92 -15.46 17.35
N LEU A 46 -4.84 -15.56 15.99
CA LEU A 46 -5.98 -15.14 15.13
C LEU A 46 -7.23 -15.93 15.54
N GLY A 47 -7.06 -17.23 15.78
CA GLY A 47 -8.13 -18.09 16.23
C GLY A 47 -8.80 -17.61 17.49
N GLN A 48 -8.00 -17.21 18.48
CA GLN A 48 -8.52 -16.70 19.75
C GLN A 48 -9.25 -15.38 19.51
N PHE A 49 -8.65 -14.51 18.70
CA PHE A 49 -9.26 -13.23 18.31
C PHE A 49 -10.66 -13.47 17.68
N LEU A 50 -10.76 -14.50 16.82
CA LEU A 50 -12.01 -14.88 16.14
C LEU A 50 -13.02 -15.52 17.10
N VAL A 51 -12.58 -16.36 18.04
CA VAL A 51 -13.49 -16.96 19.03
C VAL A 51 -14.13 -15.85 19.89
N LEU A 52 -13.37 -14.79 20.18
CA LEU A 52 -13.86 -13.64 20.95
C LEU A 52 -14.68 -12.64 20.09
N LYS A 53 -15.06 -13.03 18.85
CA LYS A 53 -15.83 -12.22 17.92
C LYS A 53 -15.15 -10.90 17.61
N LYS A 54 -13.81 -10.92 17.52
CA LYS A 54 -13.01 -9.75 17.19
C LYS A 54 -13.15 -8.61 18.20
N ASP A 55 -13.60 -8.91 19.44
CA ASP A 55 -13.81 -7.87 20.43
C ASP A 55 -12.48 -7.38 21.01
N GLU A 56 -12.24 -6.07 20.91
CA GLU A 56 -10.99 -5.47 21.39
C GLU A 56 -10.75 -5.67 22.88
N ASP A 57 -11.72 -5.31 23.73
CA ASP A 57 -11.55 -5.43 25.17
C ASP A 57 -11.32 -6.88 25.62
N LEU A 58 -12.06 -7.84 25.07
CA LEU A 58 -11.86 -9.25 25.46
C LEU A 58 -10.52 -9.77 24.95
N PHE A 59 -10.16 -9.46 23.69
CA PHE A 59 -8.87 -9.93 23.15
C PHE A 59 -7.69 -9.38 23.94
N ARG A 60 -7.69 -8.06 24.17
CA ARG A 60 -6.58 -7.42 24.85
C ARG A 60 -6.42 -7.89 26.29
N GLU A 61 -7.54 -8.10 27.02
CA GLU A 61 -7.45 -8.62 28.40
C GLU A 61 -7.07 -10.10 28.39
N TRP A 62 -7.47 -10.86 27.35
CA TRP A 62 -7.04 -12.26 27.24
C TRP A 62 -5.50 -12.29 27.06
N LEU A 63 -4.97 -11.44 26.20
CA LEU A 63 -3.53 -11.41 25.94
C LEU A 63 -2.72 -11.07 27.20
N LYS A 64 -3.24 -10.14 28.01
CA LYS A 64 -2.58 -9.75 29.26
C LYS A 64 -2.65 -10.87 30.28
N ASP A 65 -3.80 -11.54 30.41
CA ASP A 65 -3.95 -12.60 31.39
C ASP A 65 -3.21 -13.90 31.03
N THR A 66 -3.10 -14.21 29.73
N THR A 66 -3.10 -14.21 29.73
CA THR A 66 -2.45 -15.43 29.28
CA THR A 66 -2.45 -15.44 29.28
C THR A 66 -0.93 -15.33 29.23
C THR A 66 -0.93 -15.32 29.23
N ALA A 67 -0.40 -14.21 28.71
CA ALA A 67 1.03 -14.08 28.53
C ALA A 67 1.68 -12.80 29.08
N GLY A 68 0.96 -12.05 29.91
CA GLY A 68 1.52 -10.86 30.54
C GLY A 68 1.82 -9.69 29.63
N ALA A 69 1.08 -9.55 28.53
CA ALA A 69 1.29 -8.42 27.61
C ALA A 69 0.96 -7.11 28.29
N ASN A 70 1.61 -6.02 27.86
CA ASN A 70 1.27 -4.69 28.38
C ASN A 70 0.21 -4.06 27.45
N ALA A 71 -0.29 -2.86 27.79
CA ALA A 71 -1.32 -2.18 27.01
C ALA A 71 -0.89 -1.93 25.55
N LYS A 72 0.35 -1.49 25.33
CA LYS A 72 0.89 -1.21 24.00
C LYS A 72 0.95 -2.47 23.16
N GLN A 73 1.49 -3.56 23.73
CA GLN A 73 1.62 -4.83 23.04
C GLN A 73 0.26 -5.38 22.66
N SER A 74 -0.72 -5.29 23.56
CA SER A 74 -2.07 -5.78 23.30
C SER A 74 -2.75 -4.94 22.21
N ARG A 75 -2.56 -3.63 22.24
CA ARG A 75 -3.15 -2.72 21.24
C ARG A 75 -2.57 -3.02 19.83
N ASP A 76 -1.24 -3.20 19.75
CA ASP A 76 -0.59 -3.47 18.47
C ASP A 76 -0.95 -4.86 17.92
N ALA A 77 -1.05 -5.88 18.79
CA ALA A 77 -1.44 -7.22 18.35
C ALA A 77 -2.87 -7.21 17.83
N PHE A 78 -3.78 -6.54 18.56
CA PHE A 78 -5.17 -6.42 18.14
C PHE A 78 -5.27 -5.71 16.80
N GLY A 79 -4.58 -4.59 16.67
CA GLY A 79 -4.63 -3.80 15.45
C GLY A 79 -4.13 -4.54 14.23
N ALA A 80 -3.08 -5.35 14.40
CA ALA A 80 -2.57 -6.15 13.29
C ALA A 80 -3.59 -7.25 12.91
N LEU A 81 -4.22 -7.94 13.90
CA LEU A 81 -5.21 -8.99 13.58
C LEU A 81 -6.49 -8.40 12.97
N ARG A 82 -6.97 -7.25 13.46
CA ARG A 82 -8.17 -6.61 12.91
C ARG A 82 -7.93 -6.24 11.45
N GLU A 83 -6.75 -5.65 11.15
CA GLU A 83 -6.45 -5.27 9.79
C GLU A 83 -6.28 -6.48 8.87
N TRP A 84 -5.57 -7.51 9.35
CA TRP A 84 -5.37 -8.73 8.57
C TRP A 84 -6.73 -9.39 8.27
N ALA A 85 -7.58 -9.57 9.29
CA ALA A 85 -8.88 -10.19 9.10
C ALA A 85 -9.76 -9.41 8.11
N ASP A 86 -9.71 -8.07 8.17
CA ASP A 86 -10.51 -7.24 7.26
C ASP A 86 -10.08 -7.40 5.79
N ALA A 87 -8.82 -7.79 5.53
CA ALA A 87 -8.34 -7.99 4.18
C ALA A 87 -8.49 -9.44 3.70
N PHE A 88 -8.15 -10.44 4.54
CA PHE A 88 -8.06 -11.85 4.15
C PHE A 88 -9.17 -12.81 4.59
N LEU A 89 -10.03 -12.44 5.52
CA LEU A 89 -11.06 -13.36 6.03
C LEU A 89 -12.33 -13.33 5.17
N THR B 2 8.64 -8.99 -7.06
CA THR B 2 9.96 -8.70 -7.60
C THR B 2 10.39 -7.24 -7.36
N THR B 3 9.51 -6.34 -6.82
CA THR B 3 9.96 -4.98 -6.52
C THR B 3 10.85 -5.10 -5.30
N SER B 4 12.05 -4.52 -5.38
CA SER B 4 13.03 -4.63 -4.31
C SER B 4 12.61 -3.85 -3.07
N GLN B 5 13.25 -4.14 -1.91
CA GLN B 5 12.96 -3.40 -0.71
C GLN B 5 13.36 -1.91 -0.90
N LYS B 6 14.41 -1.63 -1.71
CA LYS B 6 14.79 -0.26 -2.04
C LYS B 6 13.69 0.41 -2.85
N HIS B 7 13.09 -0.29 -3.82
CA HIS B 7 12.00 0.28 -4.63
C HIS B 7 10.83 0.69 -3.75
N ARG B 8 10.46 -0.20 -2.82
CA ARG B 8 9.29 -0.01 -1.96
C ARG B 8 9.52 1.18 -1.02
N ASP B 9 10.71 1.30 -0.43
CA ASP B 9 11.04 2.43 0.44
C ASP B 9 11.14 3.75 -0.32
N PHE B 10 11.50 3.71 -1.61
CA PHE B 10 11.67 4.93 -2.41
C PHE B 10 10.35 5.51 -2.94
N VAL B 11 9.51 4.68 -3.57
CA VAL B 11 8.28 5.16 -4.21
C VAL B 11 7.17 5.55 -3.24
N THR B 12 7.28 5.19 -1.98
CA THR B 12 6.22 5.38 -1.00
C THR B 12 6.24 6.72 -0.27
N GLU B 13 7.31 7.52 -0.44
CA GLU B 13 7.40 8.81 0.23
C GLU B 13 8.22 9.83 -0.58
N PRO B 14 8.12 11.15 -0.27
CA PRO B 14 8.96 12.13 -0.97
C PRO B 14 10.46 11.79 -0.82
N MET B 15 11.24 12.00 -1.87
CA MET B 15 12.65 11.63 -1.84
C MET B 15 13.51 12.62 -1.08
N GLY B 16 13.12 13.89 -1.03
CA GLY B 16 13.88 14.91 -0.32
C GLY B 16 15.37 14.93 -0.68
N GLU B 17 16.23 14.83 0.35
CA GLU B 17 17.68 14.83 0.19
C GLU B 17 18.29 13.43 0.19
N LYS B 18 17.50 12.38 -0.18
CA LYS B 18 18.03 11.01 -0.16
C LYS B 18 19.20 10.86 -1.13
N PRO B 19 20.22 10.09 -0.76
CA PRO B 19 21.33 9.84 -1.69
C PRO B 19 20.90 9.04 -2.89
N VAL B 20 21.67 9.12 -3.97
CA VAL B 20 21.36 8.44 -5.22
C VAL B 20 21.22 6.91 -5.02
N GLY B 21 21.94 6.34 -4.06
CA GLY B 21 21.86 4.93 -3.72
C GLY B 21 20.53 4.47 -3.20
N SER B 22 19.66 5.38 -2.72
CA SER B 22 18.32 5.02 -2.25
CA SER B 22 18.32 5.01 -2.26
C SER B 22 17.40 4.62 -3.41
N LEU B 23 17.73 5.04 -4.65
CA LEU B 23 16.93 4.73 -5.83
C LEU B 23 17.14 3.28 -6.23
N ALA B 24 16.06 2.55 -6.54
CA ALA B 24 16.13 1.15 -6.98
C ALA B 24 17.06 0.99 -8.18
N GLY B 25 17.77 -0.12 -8.26
CA GLY B 25 18.72 -0.36 -9.35
C GLY B 25 20.08 0.27 -9.12
N ILE B 26 20.17 1.30 -8.26
CA ILE B 26 21.43 1.99 -8.00
C ILE B 26 22.26 1.31 -6.92
N GLY B 27 23.08 0.34 -7.33
CA GLY B 27 24.00 -0.35 -6.43
C GLY B 27 25.18 0.51 -6.02
N GLU B 28 26.10 -0.05 -5.20
CA GLU B 28 27.25 0.74 -4.72
C GLU B 28 28.17 1.24 -5.82
N VAL B 29 28.46 0.41 -6.85
CA VAL B 29 29.36 0.82 -7.93
C VAL B 29 28.68 1.89 -8.79
N LEU B 30 27.45 1.64 -9.22
CA LEU B 30 26.68 2.58 -10.04
C LEU B 30 26.45 3.90 -9.31
N GLY B 31 26.19 3.84 -8.00
CA GLY B 31 26.00 5.03 -7.18
C GLY B 31 27.23 5.90 -7.12
N LYS B 32 28.38 5.25 -6.91
CA LYS B 32 29.67 5.92 -6.84
C LYS B 32 29.95 6.63 -8.18
N LYS B 33 29.71 5.95 -9.29
CA LYS B 33 29.92 6.51 -10.63
C LYS B 33 28.97 7.70 -10.93
N LEU B 34 27.73 7.63 -10.46
CA LEU B 34 26.76 8.73 -10.59
C LEU B 34 27.20 9.93 -9.75
N GLU B 35 27.61 9.69 -8.48
CA GLU B 35 28.11 10.73 -7.58
C GLU B 35 29.31 11.45 -8.20
N GLU B 36 30.23 10.68 -8.81
CA GLU B 36 31.44 11.20 -9.45
C GLU B 36 31.14 12.15 -10.61
N ARG B 37 29.93 12.06 -11.23
CA ARG B 37 29.52 12.94 -12.33
C ARG B 37 28.42 13.95 -11.96
N GLY B 38 28.27 14.23 -10.67
CA GLY B 38 27.32 15.23 -10.20
C GLY B 38 25.90 14.79 -9.95
N PHE B 39 25.66 13.47 -9.92
CA PHE B 39 24.35 12.90 -9.65
C PHE B 39 24.42 12.23 -8.28
N ASP B 40 24.69 13.04 -7.23
CA ASP B 40 24.86 12.54 -5.86
C ASP B 40 23.57 12.27 -5.09
N LYS B 41 22.49 12.99 -5.40
CA LYS B 41 21.21 12.76 -4.71
C LYS B 41 20.21 12.17 -5.69
N ALA B 42 19.24 11.44 -5.16
CA ALA B 42 18.20 10.81 -5.98
C ALA B 42 17.43 11.85 -6.79
N TYR B 43 17.23 13.06 -6.24
CA TYR B 43 16.52 14.12 -6.93
C TYR B 43 17.25 14.60 -8.19
N VAL B 44 18.57 14.42 -8.27
CA VAL B 44 19.34 14.84 -9.45
C VAL B 44 19.03 13.87 -10.60
N VAL B 45 18.93 12.57 -10.31
CA VAL B 45 18.56 11.55 -11.30
C VAL B 45 17.10 11.74 -11.68
N LEU B 46 16.20 12.08 -10.72
CA LEU B 46 14.80 12.44 -11.04
C LEU B 46 14.81 13.60 -12.05
N GLY B 47 15.66 14.59 -11.80
CA GLY B 47 15.82 15.72 -12.68
C GLY B 47 16.17 15.34 -14.10
N GLN B 48 17.11 14.41 -14.27
CA GLN B 48 17.51 13.93 -15.58
C GLN B 48 16.35 13.18 -16.25
N PHE B 49 15.65 12.33 -15.48
CA PHE B 49 14.47 11.61 -15.94
C PHE B 49 13.40 12.61 -16.46
N LEU B 50 13.22 13.72 -15.76
CA LEU B 50 12.27 14.76 -16.12
C LEU B 50 12.71 15.58 -17.34
N VAL B 51 14.02 15.88 -17.46
CA VAL B 51 14.53 16.61 -18.63
C VAL B 51 14.30 15.76 -19.90
N LEU B 52 14.42 14.44 -19.79
CA LEU B 52 14.19 13.50 -20.89
C LEU B 52 12.69 13.21 -21.14
N LYS B 53 11.78 14.00 -20.51
CA LYS B 53 10.31 13.84 -20.63
C LYS B 53 9.85 12.47 -20.21
N LYS B 54 10.49 11.89 -19.18
CA LYS B 54 10.14 10.59 -18.64
C LYS B 54 10.27 9.45 -19.66
N ASP B 55 11.07 9.64 -20.73
CA ASP B 55 11.19 8.63 -21.77
C ASP B 55 12.07 7.47 -21.32
N GLU B 56 11.53 6.25 -21.36
CA GLU B 56 12.24 5.06 -20.90
C GLU B 56 13.54 4.80 -21.66
N ASP B 57 13.47 4.74 -23.00
CA ASP B 57 14.65 4.45 -23.81
C ASP B 57 15.76 5.50 -23.62
N LEU B 58 15.43 6.80 -23.58
CA LEU B 58 16.46 7.81 -23.38
C LEU B 58 17.03 7.76 -21.96
N PHE B 59 16.18 7.60 -20.95
CA PHE B 59 16.67 7.54 -19.56
C PHE B 59 17.59 6.34 -19.35
N ARG B 60 17.14 5.16 -19.79
CA ARG B 60 17.92 3.95 -19.58
C ARG B 60 19.26 3.96 -20.31
N GLU B 61 19.31 4.52 -21.55
CA GLU B 61 20.59 4.62 -22.26
C GLU B 61 21.46 5.71 -21.66
N TRP B 62 20.86 6.77 -21.12
CA TRP B 62 21.63 7.80 -20.41
C TRP B 62 22.31 7.17 -19.19
N LEU B 63 21.58 6.36 -18.43
CA LEU B 63 22.12 5.74 -17.22
C LEU B 63 23.29 4.79 -17.56
N LYS B 64 23.19 4.06 -18.67
CA LYS B 64 24.26 3.16 -19.08
C LYS B 64 25.48 3.94 -19.53
N ASP B 65 25.27 4.99 -20.34
CA ASP B 65 26.39 5.76 -20.87
C ASP B 65 27.10 6.63 -19.82
N THR B 66 26.37 7.12 -18.81
N THR B 66 26.37 7.12 -18.81
CA THR B 66 26.95 7.96 -17.78
CA THR B 66 26.95 7.98 -17.77
C THR B 66 27.65 7.18 -16.67
C THR B 66 27.66 7.19 -16.68
N ALA B 67 27.04 6.10 -16.19
CA ALA B 67 27.59 5.36 -15.07
C ALA B 67 27.71 3.84 -15.23
N GLY B 68 27.60 3.35 -16.45
CA GLY B 68 27.78 1.93 -16.73
C GLY B 68 26.75 0.98 -16.17
N ALA B 69 25.50 1.43 -16.01
CA ALA B 69 24.43 0.58 -15.51
C ALA B 69 24.15 -0.55 -16.48
N ASN B 70 23.68 -1.69 -15.97
CA ASN B 70 23.27 -2.79 -16.84
C ASN B 70 21.75 -2.65 -17.14
N ALA B 71 21.19 -3.52 -17.99
CA ALA B 71 19.79 -3.48 -18.35
C ALA B 71 18.84 -3.56 -17.15
N LYS B 72 19.12 -4.48 -16.21
CA LYS B 72 18.30 -4.66 -15.02
C LYS B 72 18.31 -3.41 -14.15
N GLN B 73 19.50 -2.87 -13.87
CA GLN B 73 19.66 -1.67 -13.05
C GLN B 73 18.93 -0.48 -13.66
N SER B 74 19.04 -0.31 -14.98
CA SER B 74 18.37 0.79 -15.65
C SER B 74 16.85 0.63 -15.62
N ARG B 75 16.36 -0.60 -15.79
CA ARG B 75 14.93 -0.88 -15.75
C ARG B 75 14.36 -0.59 -14.35
N ASP B 76 15.06 -1.02 -13.30
CA ASP B 76 14.60 -0.82 -11.92
C ASP B 76 14.66 0.67 -11.52
N ALA B 77 15.71 1.41 -11.92
CA ALA B 77 15.79 2.84 -11.62
C ALA B 77 14.66 3.59 -12.32
N PHE B 78 14.42 3.28 -13.61
CA PHE B 78 13.34 3.91 -14.38
C PHE B 78 11.99 3.63 -13.72
N GLY B 79 11.74 2.38 -13.37
CA GLY B 79 10.48 1.99 -12.78
C GLY B 79 10.19 2.65 -11.46
N ALA B 80 11.22 2.83 -10.64
CA ALA B 80 11.07 3.54 -9.36
C ALA B 80 10.77 5.04 -9.62
N LEU B 81 11.47 5.70 -10.56
CA LEU B 81 11.22 7.12 -10.84
C LEU B 81 9.86 7.34 -11.47
N ARG B 82 9.44 6.44 -12.38
CA ARG B 82 8.12 6.57 -13.02
C ARG B 82 7.02 6.47 -11.97
N GLU B 83 7.12 5.49 -11.07
CA GLU B 83 6.12 5.31 -10.04
C GLU B 83 6.12 6.48 -9.06
N TRP B 84 7.30 6.94 -8.64
CA TRP B 84 7.43 8.07 -7.72
C TRP B 84 6.80 9.33 -8.34
N ALA B 85 7.17 9.64 -9.59
CA ALA B 85 6.64 10.83 -10.26
C ALA B 85 5.12 10.76 -10.41
N ASP B 86 4.56 9.58 -10.71
CA ASP B 86 3.10 9.44 -10.85
C ASP B 86 2.34 9.70 -9.54
N ALA B 87 3.01 9.52 -8.38
CA ALA B 87 2.38 9.76 -7.09
C ALA B 87 2.61 11.19 -6.57
N PHE B 88 3.86 11.70 -6.68
CA PHE B 88 4.26 12.97 -6.05
C PHE B 88 4.43 14.21 -6.95
N LEU B 89 4.51 14.07 -8.27
CA LEU B 89 4.75 15.23 -9.13
C LEU B 89 3.46 15.96 -9.50
N SER C 4 -20.60 -31.64 -0.58
CA SER C 4 -21.94 -31.05 -0.66
C SER C 4 -21.91 -29.70 -1.38
N GLN C 5 -23.09 -29.22 -1.82
CA GLN C 5 -23.26 -27.91 -2.44
C GLN C 5 -22.80 -26.81 -1.45
N LYS C 6 -23.08 -26.99 -0.16
CA LYS C 6 -22.66 -26.09 0.90
C LYS C 6 -21.14 -26.06 1.01
N HIS C 7 -20.47 -27.25 0.97
CA HIS C 7 -19.01 -27.33 1.04
C HIS C 7 -18.39 -26.53 -0.11
N ARG C 8 -18.90 -26.67 -1.36
CA ARG C 8 -18.31 -25.95 -2.49
C ARG C 8 -18.50 -24.45 -2.33
N ASP C 9 -19.70 -24.02 -1.94
CA ASP C 9 -19.94 -22.60 -1.75
C ASP C 9 -19.08 -22.01 -0.64
N PHE C 10 -18.69 -22.80 0.37
CA PHE C 10 -17.93 -22.31 1.49
C PHE C 10 -16.42 -22.24 1.22
N VAL C 11 -15.81 -23.31 0.71
CA VAL C 11 -14.37 -23.37 0.51
C VAL C 11 -13.84 -22.54 -0.67
N THR C 12 -14.71 -22.12 -1.60
N THR C 12 -14.71 -22.12 -1.60
CA THR C 12 -14.27 -21.37 -2.79
CA THR C 12 -14.31 -21.37 -2.80
C THR C 12 -14.04 -19.87 -2.58
C THR C 12 -14.03 -19.88 -2.57
N GLU C 13 -14.49 -19.28 -1.46
CA GLU C 13 -14.36 -17.85 -1.24
C GLU C 13 -14.16 -17.47 0.22
N PRO C 14 -13.68 -16.24 0.52
CA PRO C 14 -13.55 -15.84 1.93
C PRO C 14 -14.91 -15.94 2.65
N MET C 15 -14.88 -16.37 3.92
CA MET C 15 -16.12 -16.56 4.67
C MET C 15 -16.73 -15.28 5.18
N GLY C 16 -15.92 -14.25 5.44
CA GLY C 16 -16.43 -12.97 5.91
C GLY C 16 -17.38 -13.08 7.10
N GLU C 17 -18.59 -12.51 6.96
CA GLU C 17 -19.61 -12.52 8.00
C GLU C 17 -20.66 -13.63 7.80
N LYS C 18 -20.33 -14.71 7.08
CA LYS C 18 -21.31 -15.78 6.85
C LYS C 18 -21.77 -16.41 8.14
N PRO C 19 -23.06 -16.78 8.24
CA PRO C 19 -23.54 -17.45 9.44
C PRO C 19 -22.96 -18.85 9.58
N VAL C 20 -22.97 -19.37 10.80
CA VAL C 20 -22.40 -20.69 11.08
C VAL C 20 -23.04 -21.81 10.22
N GLY C 21 -24.30 -21.64 9.85
CA GLY C 21 -25.01 -22.57 8.99
C GLY C 21 -24.44 -22.71 7.58
N SER C 22 -23.66 -21.73 7.10
CA SER C 22 -23.02 -21.82 5.78
C SER C 22 -21.89 -22.86 5.72
N LEU C 23 -21.37 -23.25 6.89
CA LEU C 23 -20.31 -24.24 6.96
C LEU C 23 -20.90 -25.64 6.69
N ALA C 24 -20.20 -26.47 5.90
CA ALA C 24 -20.64 -27.84 5.59
C ALA C 24 -20.79 -28.63 6.89
N GLY C 25 -21.77 -29.51 6.94
CA GLY C 25 -22.04 -30.30 8.14
C GLY C 25 -22.92 -29.60 9.16
N ILE C 26 -22.99 -28.26 9.13
CA ILE C 26 -23.78 -27.50 10.11
C ILE C 26 -25.25 -27.36 9.70
N GLY C 27 -26.07 -28.34 10.11
CA GLY C 27 -27.51 -28.32 9.89
C GLY C 27 -28.26 -27.36 10.79
N GLU C 28 -29.59 -27.31 10.70
CA GLU C 28 -30.38 -26.37 11.51
C GLU C 28 -30.24 -26.59 13.02
N VAL C 29 -30.26 -27.86 13.49
CA VAL C 29 -30.18 -28.14 14.92
C VAL C 29 -28.80 -27.77 15.44
N LEU C 30 -27.76 -28.27 14.76
CA LEU C 30 -26.37 -28.02 15.11
C LEU C 30 -26.03 -26.53 15.07
N GLY C 31 -26.55 -25.82 14.07
CA GLY C 31 -26.34 -24.38 13.93
C GLY C 31 -26.94 -23.58 15.08
N LYS C 32 -28.19 -23.88 15.52
CA LYS C 32 -28.80 -23.11 16.62
C LYS C 32 -28.07 -23.38 17.95
N LYS C 33 -27.65 -24.63 18.19
CA LYS C 33 -26.90 -24.98 19.40
C LYS C 33 -25.51 -24.32 19.41
N LEU C 34 -24.88 -24.15 18.23
CA LEU C 34 -23.62 -23.40 18.12
C LEU C 34 -23.90 -21.91 18.39
N GLU C 35 -24.95 -21.34 17.76
CA GLU C 35 -25.34 -19.93 17.98
C GLU C 35 -25.62 -19.65 19.48
N GLU C 36 -26.27 -20.58 20.21
CA GLU C 36 -26.55 -20.38 21.66
C GLU C 36 -25.24 -20.28 22.49
N ARG C 37 -24.19 -21.03 22.08
CA ARG C 37 -22.91 -21.03 22.79
C ARG C 37 -21.92 -19.94 22.32
N GLY C 38 -22.39 -18.99 21.50
CA GLY C 38 -21.53 -17.91 21.00
C GLY C 38 -20.78 -18.19 19.71
N PHE C 39 -21.17 -19.23 18.98
CA PHE C 39 -20.56 -19.60 17.71
C PHE C 39 -21.60 -19.31 16.62
N ASP C 40 -21.97 -18.03 16.47
CA ASP C 40 -23.00 -17.61 15.52
C ASP C 40 -22.54 -17.42 14.08
N LYS C 41 -21.26 -17.08 13.86
CA LYS C 41 -20.73 -16.91 12.51
C LYS C 41 -19.72 -18.02 12.22
N ALA C 42 -19.55 -18.34 10.94
CA ALA C 42 -18.62 -19.38 10.52
C ALA C 42 -17.19 -19.07 10.96
N TYR C 43 -16.81 -17.77 11.00
CA TYR C 43 -15.48 -17.38 11.43
C TYR C 43 -15.20 -17.71 12.91
N VAL C 44 -16.24 -17.84 13.74
CA VAL C 44 -16.05 -18.16 15.15
C VAL C 44 -15.64 -19.64 15.25
N VAL C 45 -16.27 -20.52 14.45
CA VAL C 45 -15.91 -21.94 14.40
C VAL C 45 -14.55 -22.09 13.76
N LEU C 46 -14.21 -21.27 12.73
CA LEU C 46 -12.84 -21.27 12.16
C LEU C 46 -11.85 -20.94 13.30
N GLY C 47 -12.20 -19.97 14.13
CA GLY C 47 -11.40 -19.59 15.27
C GLY C 47 -11.12 -20.73 16.22
N GLN C 48 -12.14 -21.52 16.54
CA GLN C 48 -11.99 -22.68 17.42
C GLN C 48 -11.09 -23.73 16.76
N PHE C 49 -11.32 -23.98 15.46
CA PHE C 49 -10.49 -24.91 14.67
C PHE C 49 -9.01 -24.49 14.71
N LEU C 50 -8.75 -23.18 14.63
CA LEU C 50 -7.41 -22.62 14.68
C LEU C 50 -6.79 -22.66 16.10
N VAL C 51 -7.58 -22.42 17.15
CA VAL C 51 -7.08 -22.53 18.52
C VAL C 51 -6.64 -23.98 18.82
N LEU C 52 -7.35 -24.96 18.25
CA LEU C 52 -7.02 -26.38 18.39
C LEU C 52 -5.90 -26.83 17.43
N LYS C 53 -5.17 -25.88 16.79
CA LYS C 53 -4.08 -26.14 15.86
C LYS C 53 -4.51 -27.03 14.69
N LYS C 54 -5.75 -26.84 14.22
CA LYS C 54 -6.31 -27.59 13.10
C LYS C 54 -6.38 -29.10 13.34
N ASP C 55 -6.35 -29.55 14.60
CA ASP C 55 -6.35 -30.98 14.91
C ASP C 55 -7.72 -31.60 14.70
N GLU C 56 -7.80 -32.63 13.86
CA GLU C 56 -9.04 -33.29 13.52
C GLU C 56 -9.76 -33.88 14.74
N ASP C 57 -9.06 -34.72 15.52
CA ASP C 57 -9.66 -35.36 16.67
C ASP C 57 -10.18 -34.36 17.71
N LEU C 58 -9.41 -33.30 18.02
CA LEU C 58 -9.87 -32.30 18.99
C LEU C 58 -11.03 -31.47 18.45
N PHE C 59 -10.95 -31.02 17.19
CA PHE C 59 -12.04 -30.23 16.60
C PHE C 59 -13.34 -31.02 16.49
N ARG C 60 -13.29 -32.24 15.98
CA ARG C 60 -14.50 -33.06 15.82
C ARG C 60 -15.09 -33.44 17.18
N GLU C 61 -14.23 -33.72 18.17
CA GLU C 61 -14.69 -34.00 19.54
C GLU C 61 -15.31 -32.73 20.15
N TRP C 62 -14.74 -31.55 19.87
CA TRP C 62 -15.28 -30.30 20.37
C TRP C 62 -16.68 -30.05 19.77
N LEU C 63 -16.87 -30.31 18.45
N LEU C 63 -16.86 -30.32 18.46
CA LEU C 63 -18.16 -30.09 17.79
CA LEU C 63 -18.17 -30.10 17.80
C LEU C 63 -19.22 -31.07 18.33
C LEU C 63 -19.22 -31.07 18.34
N LYS C 64 -18.82 -32.32 18.60
CA LYS C 64 -19.72 -33.32 19.17
C LYS C 64 -20.11 -32.95 20.62
N ASP C 65 -19.15 -32.48 21.43
CA ASP C 65 -19.42 -32.16 22.84
C ASP C 65 -20.14 -30.84 23.06
N THR C 66 -19.88 -29.83 22.22
CA THR C 66 -20.42 -28.50 22.38
C THR C 66 -21.83 -28.35 21.79
N ALA C 67 -22.09 -28.94 20.63
CA ALA C 67 -23.37 -28.80 19.97
C ALA C 67 -24.03 -30.12 19.48
N GLY C 68 -23.55 -31.26 19.93
CA GLY C 68 -24.16 -32.54 19.60
C GLY C 68 -24.06 -32.99 18.15
N ALA C 69 -22.99 -32.59 17.44
CA ALA C 69 -22.78 -33.03 16.06
C ALA C 69 -22.55 -34.52 15.99
N ASN C 70 -22.97 -35.15 14.89
CA ASN C 70 -22.70 -36.58 14.68
C ASN C 70 -21.37 -36.73 13.91
N ALA C 71 -20.91 -37.97 13.69
CA ALA C 71 -19.64 -38.23 13.00
C ALA C 71 -19.57 -37.60 11.58
N LYS C 72 -20.64 -37.74 10.77
CA LYS C 72 -20.67 -37.17 9.40
C LYS C 72 -20.64 -35.64 9.45
N GLN C 73 -21.39 -35.00 10.35
CA GLN C 73 -21.42 -33.55 10.48
C GLN C 73 -20.05 -33.01 10.89
N SER C 74 -19.40 -33.68 11.85
CA SER C 74 -18.07 -33.28 12.31
C SER C 74 -17.03 -33.44 11.23
N ARG C 75 -17.10 -34.55 10.48
CA ARG C 75 -16.16 -34.80 9.41
C ARG C 75 -16.32 -33.75 8.30
N ASP C 76 -17.56 -33.42 7.91
CA ASP C 76 -17.81 -32.44 6.86
C ASP C 76 -17.42 -31.01 7.28
N ALA C 77 -17.62 -30.65 8.55
CA ALA C 77 -17.24 -29.30 9.01
C ALA C 77 -15.73 -29.19 9.08
N PHE C 78 -15.06 -30.24 9.59
CA PHE C 78 -13.61 -30.27 9.66
C PHE C 78 -13.00 -30.17 8.25
N GLY C 79 -13.55 -30.93 7.30
CA GLY C 79 -13.07 -30.95 5.93
C GLY C 79 -13.24 -29.62 5.22
N ALA C 80 -14.36 -28.94 5.44
CA ALA C 80 -14.58 -27.62 4.84
C ALA C 80 -13.63 -26.59 5.45
N LEU C 81 -13.45 -26.60 6.78
CA LEU C 81 -12.55 -25.66 7.45
C LEU C 81 -11.10 -25.90 7.06
N ARG C 82 -10.67 -27.17 6.98
CA ARG C 82 -9.31 -27.51 6.58
C ARG C 82 -9.03 -27.01 5.16
N GLU C 83 -9.93 -27.29 4.21
CA GLU C 83 -9.76 -26.87 2.83
C GLU C 83 -9.75 -25.35 2.71
N TRP C 84 -10.67 -24.67 3.42
CA TRP C 84 -10.75 -23.21 3.41
C TRP C 84 -9.43 -22.61 3.93
N ALA C 85 -8.96 -23.09 5.09
CA ALA C 85 -7.71 -22.57 5.68
C ALA C 85 -6.51 -22.80 4.76
N ASP C 86 -6.44 -23.94 4.08
CA ASP C 86 -5.33 -24.23 3.18
C ASP C 86 -5.30 -23.27 1.99
N ALA C 87 -6.45 -22.68 1.59
CA ALA C 87 -6.51 -21.75 0.48
C ALA C 87 -6.35 -20.29 0.92
N PHE C 88 -7.02 -19.87 2.01
CA PHE C 88 -7.09 -18.46 2.41
C PHE C 88 -6.27 -18.00 3.60
N LEU C 89 -5.72 -18.90 4.43
CA LEU C 89 -4.99 -18.48 5.61
C LEU C 89 -3.51 -18.17 5.32
N THR D 3 6.08 37.96 -3.72
CA THR D 3 5.88 36.96 -4.76
C THR D 3 4.55 37.19 -5.47
N SER D 4 4.54 37.02 -6.80
CA SER D 4 3.35 37.22 -7.61
C SER D 4 2.28 36.11 -7.37
N GLN D 5 1.04 36.39 -7.80
CA GLN D 5 -0.10 35.47 -7.80
C GLN D 5 0.22 34.25 -8.70
N LYS D 6 0.97 34.45 -9.79
CA LYS D 6 1.37 33.36 -10.68
C LYS D 6 2.23 32.35 -9.90
N HIS D 7 3.15 32.87 -9.06
CA HIS D 7 3.98 32.06 -8.17
C HIS D 7 3.08 31.31 -7.18
N ARG D 8 2.11 32.00 -6.55
CA ARG D 8 1.17 31.36 -5.63
C ARG D 8 0.46 30.14 -6.24
N ASP D 9 -0.16 30.30 -7.41
CA ASP D 9 -0.89 29.23 -8.13
C ASP D 9 0.01 28.03 -8.47
N PHE D 10 1.31 28.27 -8.69
CA PHE D 10 2.26 27.23 -9.04
C PHE D 10 2.81 26.49 -7.81
N VAL D 11 3.22 27.22 -6.76
CA VAL D 11 3.83 26.63 -5.57
C VAL D 11 2.85 25.94 -4.62
N THR D 12 1.53 26.20 -4.76
N THR D 12 1.53 26.22 -4.74
CA THR D 12 0.48 25.66 -3.88
CA THR D 12 0.49 25.66 -3.86
C THR D 12 0.11 24.20 -4.13
C THR D 12 0.11 24.20 -4.13
N GLU D 13 0.40 23.67 -5.32
CA GLU D 13 -0.03 22.33 -5.67
C GLU D 13 0.95 21.58 -6.58
N PRO D 14 0.81 20.25 -6.73
CA PRO D 14 1.70 19.52 -7.65
C PRO D 14 1.57 20.08 -9.07
N MET D 15 2.68 20.15 -9.80
CA MET D 15 2.67 20.74 -11.13
C MET D 15 2.11 19.81 -12.19
N GLY D 16 2.23 18.50 -12.01
CA GLY D 16 1.70 17.53 -12.97
C GLY D 16 2.12 17.80 -14.40
N GLU D 17 1.14 17.92 -15.31
CA GLU D 17 1.37 18.17 -16.73
C GLU D 17 1.19 19.65 -17.10
N LYS D 18 1.35 20.59 -16.14
CA LYS D 18 1.18 22.01 -16.45
C LYS D 18 2.18 22.48 -17.50
N PRO D 19 1.74 23.36 -18.42
CA PRO D 19 2.68 23.89 -19.41
C PRO D 19 3.74 24.79 -18.78
N VAL D 20 4.85 24.97 -19.47
CA VAL D 20 5.97 25.77 -18.97
C VAL D 20 5.54 27.21 -18.60
N GLY D 21 4.55 27.74 -19.31
CA GLY D 21 4.01 29.06 -19.02
C GLY D 21 3.37 29.23 -17.65
N SER D 22 2.97 28.13 -17.00
CA SER D 22 2.39 28.21 -15.65
C SER D 22 3.43 28.59 -14.58
N LEU D 23 4.72 28.41 -14.87
CA LEU D 23 5.80 28.72 -13.95
C LEU D 23 6.02 30.23 -13.89
N ALA D 24 6.16 30.81 -12.67
CA ALA D 24 6.38 32.25 -12.50
C ALA D 24 7.58 32.74 -13.29
N GLY D 25 7.48 33.92 -13.85
CA GLY D 25 8.54 34.48 -14.67
C GLY D 25 8.50 34.06 -16.13
N ILE D 26 7.82 32.95 -16.45
CA ILE D 26 7.75 32.46 -17.83
C ILE D 26 6.65 33.11 -18.63
N GLY D 27 6.97 34.24 -19.27
CA GLY D 27 6.04 34.95 -20.15
C GLY D 27 5.83 34.26 -21.48
N GLU D 28 5.02 34.85 -22.38
CA GLU D 28 4.74 34.22 -23.66
C GLU D 28 5.98 34.02 -24.54
N VAL D 29 6.89 35.01 -24.61
CA VAL D 29 8.07 34.90 -25.46
C VAL D 29 9.02 33.83 -24.91
N LEU D 30 9.36 33.94 -23.61
CA LEU D 30 10.23 32.97 -22.92
C LEU D 30 9.65 31.55 -22.96
N GLY D 31 8.35 31.42 -22.80
CA GLY D 31 7.69 30.12 -22.88
C GLY D 31 7.84 29.47 -24.23
N LYS D 32 7.68 30.25 -25.33
CA LYS D 32 7.82 29.74 -26.70
C LYS D 32 9.23 29.24 -26.98
N LYS D 33 10.24 30.01 -26.58
N LYS D 33 10.25 30.03 -26.60
CA LYS D 33 11.65 29.63 -26.73
CA LYS D 33 11.66 29.68 -26.75
C LYS D 33 11.98 28.39 -25.94
C LYS D 33 11.96 28.41 -25.96
N LEU D 34 11.42 28.28 -24.72
CA LEU D 34 11.65 27.09 -23.91
C LEU D 34 10.99 25.88 -24.60
N GLU D 35 9.74 26.02 -25.07
CA GLU D 35 9.03 24.96 -25.80
C GLU D 35 9.81 24.49 -27.04
N GLU D 36 10.35 25.40 -27.86
CA GLU D 36 11.13 25.00 -29.06
C GLU D 36 12.42 24.24 -28.70
N ARG D 37 12.92 24.44 -27.49
CA ARG D 37 14.14 23.83 -26.99
C ARG D 37 13.88 22.49 -26.23
N GLY D 38 12.63 22.01 -26.20
CA GLY D 38 12.25 20.78 -25.50
C GLY D 38 11.82 20.95 -24.04
N PHE D 39 11.58 22.19 -23.62
CA PHE D 39 11.16 22.51 -22.26
C PHE D 39 9.71 22.98 -22.34
N ASP D 40 8.81 22.09 -22.80
CA ASP D 40 7.39 22.43 -23.01
C ASP D 40 6.51 22.37 -21.75
N LYS D 41 6.85 21.52 -20.77
CA LYS D 41 6.08 21.43 -19.53
C LYS D 41 6.91 21.98 -18.38
N ALA D 42 6.24 22.47 -17.34
CA ALA D 42 6.90 23.02 -16.17
C ALA D 42 7.82 21.98 -15.50
N TYR D 43 7.43 20.69 -15.55
CA TYR D 43 8.24 19.63 -14.96
C TYR D 43 9.59 19.45 -15.64
N VAL D 44 9.72 19.87 -16.91
CA VAL D 44 10.97 19.74 -17.64
C VAL D 44 11.96 20.79 -17.09
N VAL D 45 11.47 22.02 -16.82
CA VAL D 45 12.28 23.08 -16.22
C VAL D 45 12.61 22.72 -14.78
N LEU D 46 11.67 22.09 -14.03
CA LEU D 46 11.97 21.56 -12.68
C LEU D 46 13.14 20.58 -12.80
N GLY D 47 13.08 19.72 -13.81
CA GLY D 47 14.14 18.76 -14.08
C GLY D 47 15.50 19.40 -14.25
N GLN D 48 15.57 20.49 -15.02
CA GLN D 48 16.82 21.21 -15.23
C GLN D 48 17.30 21.83 -13.93
N PHE D 49 16.37 22.43 -13.17
CA PHE D 49 16.66 23.01 -11.85
C PHE D 49 17.27 21.94 -10.92
N LEU D 50 16.73 20.72 -10.97
CA LEU D 50 17.21 19.59 -10.16
C LEU D 50 18.56 19.04 -10.65
N VAL D 51 18.78 18.98 -11.97
CA VAL D 51 20.09 18.53 -12.51
C VAL D 51 21.20 19.50 -12.05
N LEU D 52 20.88 20.80 -11.97
CA LEU D 52 21.82 21.83 -11.50
C LEU D 52 21.93 21.89 -9.96
N LYS D 53 21.39 20.89 -9.24
CA LYS D 53 21.41 20.79 -7.78
C LYS D 53 20.77 22.01 -7.11
N LYS D 54 19.71 22.53 -7.73
CA LYS D 54 18.95 23.67 -7.21
C LYS D 54 19.81 24.95 -7.07
N ASP D 55 20.93 25.04 -7.81
CA ASP D 55 21.82 26.20 -7.69
C ASP D 55 21.24 27.41 -8.40
N GLU D 56 21.07 28.52 -7.67
CA GLU D 56 20.48 29.74 -8.21
C GLU D 56 21.25 30.32 -9.38
N ASP D 57 22.56 30.55 -9.21
CA ASP D 57 23.37 31.14 -10.27
C ASP D 57 23.40 30.29 -11.54
N LEU D 58 23.53 28.96 -11.42
CA LEU D 58 23.53 28.10 -12.62
C LEU D 58 22.16 28.06 -13.28
N PHE D 59 21.08 27.92 -12.49
CA PHE D 59 19.73 27.87 -13.07
C PHE D 59 19.39 29.17 -13.79
N ARG D 60 19.62 30.31 -13.13
CA ARG D 60 19.26 31.60 -13.70
C ARG D 60 20.08 31.91 -14.96
N GLU D 61 21.38 31.54 -14.98
CA GLU D 61 22.25 31.69 -16.15
C GLU D 61 21.77 30.77 -17.27
N TRP D 62 21.36 29.54 -16.93
CA TRP D 62 20.87 28.59 -17.92
C TRP D 62 19.60 29.15 -18.58
N LEU D 63 18.68 29.69 -17.78
CA LEU D 63 17.43 30.22 -18.30
C LEU D 63 17.69 31.42 -19.24
N LYS D 64 18.66 32.28 -18.84
CA LYS D 64 19.14 33.45 -19.59
C LYS D 64 19.75 33.05 -20.94
N ASP D 65 20.61 32.02 -20.95
CA ASP D 65 21.31 31.57 -22.15
C ASP D 65 20.46 30.72 -23.09
N THR D 66 19.52 29.95 -22.55
CA THR D 66 18.71 29.01 -23.32
C THR D 66 17.50 29.68 -23.96
N ALA D 67 16.81 30.58 -23.24
CA ALA D 67 15.60 31.20 -23.75
C ALA D 67 15.52 32.74 -23.61
N GLY D 68 16.65 33.40 -23.32
CA GLY D 68 16.70 34.85 -23.26
C GLY D 68 15.94 35.52 -22.13
N ALA D 69 15.80 34.84 -20.99
CA ALA D 69 15.12 35.42 -19.84
C ALA D 69 15.89 36.60 -19.28
N ASN D 70 15.18 37.57 -18.70
CA ASN D 70 15.83 38.71 -18.05
C ASN D 70 16.04 38.37 -16.54
N ALA D 71 16.70 39.26 -15.78
CA ALA D 71 16.97 39.03 -14.37
C ALA D 71 15.70 38.76 -13.54
N LYS D 72 14.65 39.57 -13.76
CA LYS D 72 13.40 39.41 -13.03
C LYS D 72 12.75 38.05 -13.32
N GLN D 73 12.65 37.69 -14.60
CA GLN D 73 12.05 36.44 -15.03
C GLN D 73 12.80 35.24 -14.46
N SER D 74 14.15 35.28 -14.47
CA SER D 74 14.96 34.18 -13.93
C SER D 74 14.84 34.08 -12.41
N ARG D 75 14.74 35.22 -11.73
CA ARG D 75 14.57 35.25 -10.28
C ARG D 75 13.22 34.65 -9.89
N ASP D 76 12.14 35.03 -10.61
CA ASP D 76 10.80 34.53 -10.31
C ASP D 76 10.66 33.05 -10.64
N ALA D 77 11.28 32.58 -11.73
CA ALA D 77 11.22 31.16 -12.07
C ALA D 77 11.96 30.34 -11.02
N PHE D 78 13.14 30.79 -10.62
CA PHE D 78 13.93 30.12 -9.61
C PHE D 78 13.18 30.06 -8.28
N GLY D 79 12.61 31.19 -7.86
CA GLY D 79 11.91 31.28 -6.60
C GLY D 79 10.70 30.38 -6.54
N ALA D 80 9.96 30.25 -7.65
CA ALA D 80 8.80 29.36 -7.69
C ALA D 80 9.26 27.91 -7.64
N LEU D 81 10.30 27.52 -8.41
CA LEU D 81 10.79 26.15 -8.40
C LEU D 81 11.38 25.78 -7.05
N ARG D 82 12.11 26.70 -6.42
CA ARG D 82 12.70 26.44 -5.12
C ARG D 82 11.62 26.20 -4.06
N GLU D 83 10.61 27.06 -4.01
CA GLU D 83 9.51 26.93 -3.05
C GLU D 83 8.70 25.65 -3.31
N TRP D 84 8.41 25.35 -4.58
CA TRP D 84 7.68 24.13 -4.97
C TRP D 84 8.45 22.89 -4.51
N ALA D 85 9.75 22.81 -4.83
CA ALA D 85 10.56 21.67 -4.45
C ALA D 85 10.63 21.49 -2.92
N ASP D 86 10.73 22.59 -2.17
CA ASP D 86 10.77 22.49 -0.71
C ASP D 86 9.47 21.93 -0.11
N ALA D 87 8.34 22.06 -0.81
CA ALA D 87 7.07 21.55 -0.33
C ALA D 87 6.77 20.13 -0.84
N PHE D 88 7.02 19.85 -2.13
CA PHE D 88 6.61 18.58 -2.76
C PHE D 88 7.67 17.54 -3.06
N LEU D 89 8.96 17.86 -3.01
CA LEU D 89 10.00 16.90 -3.36
C LEU D 89 10.42 16.01 -2.19
N SER E 19 -0.59 34.23 8.69
CA SER E 19 0.19 34.50 7.50
C SER E 19 0.97 33.25 7.07
N PHE E 20 0.24 32.21 6.66
CA PHE E 20 0.83 30.95 6.17
C PHE E 20 0.39 30.67 4.74
N SER E 21 1.33 30.25 3.90
CA SER E 21 1.01 29.82 2.54
C SER E 21 0.72 28.30 2.63
N GLN E 22 -0.23 27.82 1.82
CA GLN E 22 -0.66 26.41 1.87
C GLN E 22 -0.19 25.66 0.63
N HIS E 23 0.31 24.42 0.81
CA HIS E 23 0.83 23.59 -0.28
C HIS E 23 0.23 22.22 -0.03
N ALA E 24 -0.60 21.71 -0.94
CA ALA E 24 -1.28 20.45 -0.73
C ALA E 24 -1.20 19.53 -1.93
N ARG E 25 -1.23 18.23 -1.65
CA ARG E 25 -1.16 17.18 -2.66
C ARG E 25 -2.06 16.03 -2.23
N THR E 26 -2.78 15.42 -3.17
CA THR E 26 -3.64 14.28 -2.90
C THR E 26 -3.40 13.25 -4.01
N SER E 27 -2.82 12.10 -3.66
CA SER E 27 -2.53 11.04 -4.63
CA SER E 27 -2.51 11.02 -4.60
C SER E 27 -3.59 9.93 -4.65
N GLY E 28 -4.51 9.90 -3.68
CA GLY E 28 -5.55 8.88 -3.60
C GLY E 28 -6.93 9.43 -3.32
N ARG E 29 -7.74 8.69 -2.58
CA ARG E 29 -9.12 9.08 -2.30
C ARG E 29 -9.26 10.20 -1.27
N VAL E 30 -8.43 10.20 -0.22
CA VAL E 30 -8.56 11.12 0.90
C VAL E 30 -7.53 12.26 0.86
N ALA E 31 -8.01 13.49 1.01
CA ALA E 31 -7.18 14.69 1.05
C ALA E 31 -7.04 15.19 2.48
N VAL E 32 -5.95 15.92 2.75
CA VAL E 32 -5.77 16.64 3.99
C VAL E 32 -6.37 17.99 3.62
N GLU E 33 -7.66 18.13 3.85
CA GLU E 33 -8.44 19.30 3.44
C GLU E 33 -8.08 20.61 4.17
N GLU E 34 -7.89 20.54 5.48
CA GLU E 34 -7.65 21.73 6.27
C GLU E 34 -6.78 21.40 7.45
N VAL E 35 -5.87 22.30 7.77
CA VAL E 35 -5.00 22.16 8.92
C VAL E 35 -5.20 23.43 9.72
N ASP E 36 -5.65 23.30 10.97
CA ASP E 36 -5.85 24.46 11.83
C ASP E 36 -4.50 25.12 12.11
N GLU E 37 -4.41 26.43 11.87
CA GLU E 37 -3.16 27.17 12.11
C GLU E 37 -2.80 27.17 13.60
N GLU E 38 -3.81 27.16 14.50
CA GLU E 38 -3.59 27.16 15.94
C GLU E 38 -3.35 25.75 16.54
N GLY E 39 -3.27 24.72 15.71
CA GLY E 39 -2.98 23.36 16.14
C GLY E 39 -4.09 22.57 16.82
N LYS E 40 -5.36 23.01 16.71
CA LYS E 40 -6.47 22.29 17.35
C LYS E 40 -6.87 21.03 16.62
N PHE E 41 -6.72 20.99 15.29
CA PHE E 41 -7.20 19.87 14.51
C PHE E 41 -6.56 19.77 13.13
N VAL E 42 -6.79 18.60 12.50
CA VAL E 42 -6.46 18.30 11.11
C VAL E 42 -7.78 17.75 10.56
N ARG E 43 -8.20 18.19 9.37
CA ARG E 43 -9.44 17.77 8.73
C ARG E 43 -9.15 17.06 7.42
N LEU E 44 -9.77 15.90 7.22
CA LEU E 44 -9.61 15.08 6.03
C LEU E 44 -10.94 14.93 5.36
N ARG E 45 -10.92 14.80 4.03
CA ARG E 45 -12.14 14.58 3.29
C ARG E 45 -11.88 13.51 2.25
N ASN E 46 -12.82 12.56 2.15
CA ASN E 46 -12.77 11.54 1.13
C ASN E 46 -13.38 12.23 -0.06
N LYS E 47 -12.54 12.67 -1.02
CA LYS E 47 -12.99 13.39 -2.21
C LYS E 47 -13.44 12.45 -3.35
N SER E 48 -13.45 11.14 -3.13
CA SER E 48 -13.81 10.13 -4.12
C SER E 48 -15.29 9.70 -3.98
N ASN E 49 -15.75 8.85 -4.91
CA ASN E 49 -17.09 8.25 -4.85
C ASN E 49 -17.07 6.85 -4.19
N GLU E 50 -15.94 6.45 -3.58
CA GLU E 50 -15.81 5.17 -2.92
C GLU E 50 -15.37 5.34 -1.47
N ASP E 51 -15.81 4.44 -0.60
CA ASP E 51 -15.40 4.47 0.81
C ASP E 51 -13.91 4.10 0.91
N GLN E 52 -13.24 4.62 1.94
CA GLN E 52 -11.83 4.34 2.15
C GLN E 52 -11.64 3.71 3.51
N SER E 53 -11.08 2.50 3.55
CA SER E 53 -10.73 1.87 4.81
C SER E 53 -9.41 2.54 5.24
N MET E 54 -9.34 3.01 6.48
CA MET E 54 -8.15 3.68 7.01
C MET E 54 -7.70 3.11 8.35
N GLY E 55 -8.04 1.84 8.63
CA GLY E 55 -7.63 1.19 9.86
C GLY E 55 -6.12 1.15 9.97
N ASN E 56 -5.59 1.65 11.11
CA ASN E 56 -4.16 1.76 11.39
C ASN E 56 -3.45 2.78 10.52
N TRP E 57 -4.18 3.66 9.79
CA TRP E 57 -3.52 4.71 9.00
C TRP E 57 -2.91 5.73 9.97
N GLN E 58 -2.00 6.56 9.47
CA GLN E 58 -1.32 7.54 10.29
C GLN E 58 -1.37 8.93 9.72
N ILE E 59 -1.19 9.92 10.60
CA ILE E 59 -1.01 11.28 10.20
C ILE E 59 0.33 11.65 10.80
N LYS E 60 1.32 11.93 9.96
CA LYS E 60 2.66 12.33 10.41
C LYS E 60 2.67 13.85 10.38
N ARG E 61 3.05 14.46 11.49
CA ARG E 61 3.08 15.92 11.65
C ARG E 61 4.50 16.36 12.02
N GLN E 62 5.13 17.11 11.10
CA GLN E 62 6.48 17.64 11.27
C GLN E 62 6.43 19.15 11.38
N ASN E 63 6.68 19.67 12.61
CA ASN E 63 6.69 21.10 12.89
C ASN E 63 8.14 21.54 13.01
N GLY E 64 8.64 22.27 12.00
CA GLY E 64 10.03 22.68 11.93
C GLY E 64 10.97 21.50 12.06
N ASP E 65 11.94 21.59 12.98
CA ASP E 65 12.83 20.47 13.28
C ASP E 65 12.44 19.78 14.61
N ASP E 66 11.22 20.04 15.15
CA ASP E 66 10.81 19.40 16.40
C ASP E 66 10.57 17.90 16.16
N PRO E 67 10.65 17.04 17.19
CA PRO E 67 10.39 15.61 16.95
C PRO E 67 9.05 15.32 16.28
N LEU E 68 9.07 14.46 15.26
CA LEU E 68 7.87 14.07 14.52
C LEU E 68 6.75 13.57 15.44
N LEU E 69 5.53 14.05 15.23
CA LEU E 69 4.36 13.55 15.95
C LEU E 69 3.62 12.64 14.96
N THR E 70 3.07 11.53 15.44
CA THR E 70 2.34 10.61 14.56
C THR E 70 1.06 10.17 15.23
N TYR E 71 -0.08 10.49 14.61
CA TYR E 71 -1.39 10.05 15.08
C TYR E 71 -1.69 8.72 14.38
N ARG E 72 -2.30 7.78 15.09
CA ARG E 72 -2.66 6.50 14.49
C ARG E 72 -4.16 6.32 14.60
N PHE E 73 -4.81 6.11 13.44
CA PHE E 73 -6.24 5.88 13.37
C PHE E 73 -6.60 4.58 14.08
N PRO E 74 -7.85 4.42 14.55
CA PRO E 74 -8.24 3.12 15.12
C PRO E 74 -8.01 1.96 14.15
N PRO E 75 -7.86 0.73 14.66
CA PRO E 75 -7.65 -0.42 13.76
C PRO E 75 -8.75 -0.70 12.74
N LYS E 76 -9.98 -0.28 13.05
CA LYS E 76 -11.11 -0.36 12.15
C LYS E 76 -11.68 1.05 12.01
N PHE E 77 -11.60 1.63 10.81
CA PHE E 77 -12.18 2.94 10.58
C PHE E 77 -12.40 3.13 9.09
N THR E 78 -13.62 3.47 8.69
CA THR E 78 -13.94 3.71 7.31
C THR E 78 -14.33 5.17 7.16
N LEU E 79 -13.76 5.85 6.18
CA LEU E 79 -14.16 7.22 5.85
C LEU E 79 -15.01 7.07 4.59
N LYS E 80 -16.32 7.25 4.72
CA LYS E 80 -17.22 7.07 3.59
C LYS E 80 -16.99 8.10 2.48
N ALA E 81 -17.38 7.74 1.25
CA ALA E 81 -17.29 8.60 0.08
C ALA E 81 -17.90 9.98 0.34
N GLY E 82 -17.11 11.02 0.13
CA GLY E 82 -17.56 12.39 0.34
C GLY E 82 -17.53 12.91 1.77
N GLN E 83 -17.21 12.05 2.75
CA GLN E 83 -17.25 12.40 4.16
C GLN E 83 -15.98 13.06 4.70
N VAL E 84 -16.15 13.92 5.70
CA VAL E 84 -15.08 14.57 6.43
C VAL E 84 -14.91 13.88 7.77
N VAL E 85 -13.67 13.85 8.25
CA VAL E 85 -13.31 13.42 9.59
C VAL E 85 -12.31 14.44 10.12
N THR E 86 -12.57 14.95 11.30
CA THR E 86 -11.67 15.90 11.96
C THR E 86 -10.99 15.15 13.08
N ILE E 87 -9.66 15.22 13.13
CA ILE E 87 -8.85 14.61 14.16
C ILE E 87 -8.43 15.79 15.05
N TRP E 88 -9.02 15.85 16.24
CA TRP E 88 -8.79 16.91 17.19
C TRP E 88 -7.69 16.59 18.14
N ALA E 89 -6.95 17.60 18.56
CA ALA E 89 -5.99 17.42 19.64
C ALA E 89 -6.83 17.42 20.93
N ALA E 90 -6.37 16.69 21.94
CA ALA E 90 -7.07 16.57 23.22
C ALA E 90 -7.35 17.90 23.95
N GLY E 91 -6.57 18.94 23.69
CA GLY E 91 -6.74 20.23 24.36
C GLY E 91 -7.72 21.21 23.72
N ALA E 92 -8.24 20.89 22.53
CA ALA E 92 -9.16 21.77 21.81
C ALA E 92 -10.61 21.81 22.34
N GLY E 93 -10.93 21.00 23.36
CA GLY E 93 -12.27 20.96 23.92
C GLY E 93 -13.29 20.22 23.07
N ALA E 94 -12.83 19.31 22.19
CA ALA E 94 -13.68 18.53 21.29
C ALA E 94 -13.98 17.14 21.88
N THR E 95 -15.09 16.51 21.46
CA THR E 95 -15.48 15.18 21.97
C THR E 95 -15.26 14.10 20.89
N HIS E 96 -14.93 12.88 21.31
CA HIS E 96 -14.70 11.78 20.39
C HIS E 96 -16.05 11.23 19.90
N SER E 97 -16.53 11.71 18.73
CA SER E 97 -17.82 11.31 18.15
C SER E 97 -17.65 10.75 16.72
N PRO E 98 -17.19 9.50 16.57
CA PRO E 98 -17.01 8.93 15.22
C PRO E 98 -18.29 8.74 14.43
N PRO E 99 -18.19 8.64 13.09
CA PRO E 99 -16.99 8.72 12.27
C PRO E 99 -16.58 10.15 11.88
N THR E 100 -17.29 11.18 12.36
CA THR E 100 -16.99 12.56 11.97
C THR E 100 -15.88 13.22 12.79
N ASP E 101 -15.76 12.92 14.09
CA ASP E 101 -14.74 13.56 14.92
C ASP E 101 -14.02 12.58 15.83
N LEU E 102 -12.69 12.54 15.73
CA LEU E 102 -11.81 11.69 16.54
C LEU E 102 -10.93 12.57 17.41
N VAL E 103 -10.59 12.12 18.61
CA VAL E 103 -9.72 12.86 19.50
C VAL E 103 -8.40 12.10 19.63
N TRP E 104 -7.29 12.82 19.54
CA TRP E 104 -5.96 12.25 19.72
C TRP E 104 -5.70 12.31 21.22
N LYS E 105 -6.07 11.24 21.91
CA LYS E 105 -5.94 11.11 23.37
C LYS E 105 -4.59 11.55 23.93
N ALA E 106 -3.49 11.07 23.35
CA ALA E 106 -2.16 11.35 23.87
C ALA E 106 -1.65 12.79 23.71
N GLN E 107 -2.19 13.54 22.74
N GLN E 107 -2.18 13.55 22.73
CA GLN E 107 -1.66 14.82 22.34
CA GLN E 107 -1.66 14.87 22.38
C GLN E 107 -2.63 16.02 22.49
C GLN E 107 -2.63 16.03 22.52
N ASN E 108 -2.24 17.06 23.26
CA ASN E 108 -3.06 18.27 23.45
C ASN E 108 -2.96 19.34 22.35
N THR E 109 -2.02 19.21 21.41
CA THR E 109 -1.87 20.13 20.28
C THR E 109 -1.26 19.39 19.08
N TRP E 110 -1.55 19.86 17.84
CA TRP E 110 -0.86 19.37 16.67
C TRP E 110 0.54 20.04 16.49
N GLY E 111 0.84 21.10 17.27
CA GLY E 111 2.14 21.75 17.25
C GLY E 111 2.19 23.01 16.42
N GLY E 113 5.02 26.28 14.82
CA GLY E 113 6.31 26.49 14.18
C GLY E 113 6.17 27.27 12.90
N ASN E 114 7.28 27.48 12.22
CA ASN E 114 7.29 28.21 10.95
C ASN E 114 6.91 27.32 9.76
N SER E 115 7.10 26.01 9.87
CA SER E 115 6.82 25.04 8.82
C SER E 115 6.04 23.91 9.48
N LEU E 116 4.80 23.70 9.07
CA LEU E 116 3.94 22.65 9.65
C LEU E 116 3.51 21.71 8.53
N ARG E 117 4.05 20.49 8.53
CA ARG E 117 3.77 19.51 7.48
C ARG E 117 2.91 18.39 8.04
N THR E 118 1.68 18.27 7.55
CA THR E 118 0.73 17.23 7.95
C THR E 118 0.57 16.27 6.78
N ALA E 119 0.92 14.99 6.96
CA ALA E 119 0.84 14.00 5.91
C ALA E 119 -0.01 12.79 6.32
N LEU E 120 -0.83 12.31 5.39
CA LEU E 120 -1.66 11.13 5.60
C LEU E 120 -0.92 9.94 5.02
N ILE E 121 -0.67 8.96 5.88
CA ILE E 121 0.06 7.75 5.54
C ILE E 121 -0.84 6.53 5.73
N ASN E 122 -0.80 5.58 4.78
CA ASN E 122 -1.58 4.35 4.94
C ASN E 122 -0.90 3.47 6.03
N SER E 123 -1.48 2.32 6.35
CA SER E 123 -0.94 1.45 7.40
C SER E 123 0.42 0.84 7.09
N THR E 124 0.89 0.93 5.84
CA THR E 124 2.15 0.37 5.41
C THR E 124 3.23 1.41 5.08
N GLY E 125 3.05 2.64 5.53
CA GLY E 125 4.07 3.67 5.36
C GLY E 125 4.02 4.52 4.11
N GLU E 126 2.96 4.38 3.29
N GLU E 126 2.95 4.39 3.29
CA GLU E 126 2.84 5.14 2.04
CA GLU E 126 2.80 5.15 2.04
C GLU E 126 2.18 6.49 2.26
C GLU E 126 2.19 6.51 2.31
N GLU E 127 2.86 7.58 1.87
CA GLU E 127 2.30 8.93 1.97
C GLU E 127 1.36 9.06 0.79
N VAL E 128 0.08 9.22 1.07
CA VAL E 128 -0.99 9.33 0.08
C VAL E 128 -1.54 10.77 -0.03
N ALA E 129 -1.24 11.66 0.95
CA ALA E 129 -1.71 13.04 0.89
C ALA E 129 -0.94 13.90 1.90
N MET E 130 -0.95 15.20 1.67
CA MET E 130 -0.34 16.14 2.59
C MET E 130 -0.87 17.53 2.38
N ARG E 131 -0.72 18.31 3.43
CA ARG E 131 -0.98 19.73 3.44
C ARG E 131 0.12 20.33 4.30
N LYS E 132 0.82 21.31 3.77
CA LYS E 132 1.91 21.96 4.44
C LYS E 132 1.64 23.44 4.56
N LEU E 133 1.91 23.99 5.74
CA LEU E 133 1.75 25.40 6.01
C LEU E 133 3.12 25.99 6.26
N VAL E 134 3.46 27.04 5.52
CA VAL E 134 4.76 27.69 5.65
C VAL E 134 4.51 29.15 5.96
N ARG E 135 5.11 29.65 7.04
CA ARG E 135 4.91 31.03 7.48
C ARG E 135 5.58 31.96 6.46
N SER E 136 4.81 32.94 5.98
CA SER E 136 5.23 33.88 4.96
C SER E 136 5.55 35.23 5.59
N SER F 19 -11.80 -31.26 -12.46
CA SER F 19 -10.36 -31.47 -12.40
C SER F 19 -9.73 -30.63 -11.26
N PHE F 20 -9.92 -29.30 -11.28
CA PHE F 20 -9.38 -28.39 -10.26
C PHE F 20 -10.50 -27.63 -9.57
N SER F 21 -10.42 -27.49 -8.25
CA SER F 21 -11.36 -26.68 -7.48
C SER F 21 -10.76 -25.28 -7.43
N GLN F 22 -11.59 -24.24 -7.48
CA GLN F 22 -11.13 -22.86 -7.52
C GLN F 22 -11.42 -22.15 -6.22
N HIS F 23 -10.46 -21.35 -5.71
CA HIS F 23 -10.60 -20.63 -4.44
C HIS F 23 -10.08 -19.23 -4.71
N ALA F 24 -10.94 -18.21 -4.62
CA ALA F 24 -10.54 -16.85 -4.97
C ALA F 24 -10.93 -15.84 -3.92
N ARG F 25 -10.16 -14.77 -3.84
CA ARG F 25 -10.36 -13.67 -2.90
C ARG F 25 -9.99 -12.37 -3.59
N THR F 26 -10.77 -11.31 -3.34
CA THR F 26 -10.50 -9.99 -3.89
C THR F 26 -10.70 -8.98 -2.74
N SER F 27 -9.63 -8.32 -2.33
N SER F 27 -9.62 -8.32 -2.33
CA SER F 27 -9.67 -7.33 -1.27
CA SER F 27 -9.64 -7.33 -1.27
C SER F 27 -9.76 -5.88 -1.77
C SER F 27 -9.73 -5.87 -1.76
N GLY F 28 -9.52 -5.64 -3.06
CA GLY F 28 -9.54 -4.30 -3.65
C GLY F 28 -10.32 -4.22 -4.95
N ARG F 29 -9.86 -3.37 -5.87
CA ARG F 29 -10.57 -3.14 -7.13
C ARG F 29 -10.40 -4.27 -8.14
N VAL F 30 -9.21 -4.88 -8.24
CA VAL F 30 -8.89 -5.87 -9.26
C VAL F 30 -8.89 -7.30 -8.74
N ALA F 31 -9.59 -8.19 -9.45
CA ALA F 31 -9.67 -9.61 -9.14
C ALA F 31 -8.80 -10.43 -10.09
N VAL F 32 -8.33 -11.60 -9.62
CA VAL F 32 -7.69 -12.59 -10.47
C VAL F 32 -8.90 -13.40 -10.95
N GLU F 33 -9.50 -12.98 -12.07
CA GLU F 33 -10.74 -13.53 -12.62
C GLU F 33 -10.64 -14.98 -13.13
N GLU F 34 -9.59 -15.29 -13.86
CA GLU F 34 -9.44 -16.61 -14.46
C GLU F 34 -8.00 -16.98 -14.54
N VAL F 35 -7.71 -18.24 -14.28
CA VAL F 35 -6.37 -18.78 -14.39
C VAL F 35 -6.48 -19.96 -15.34
N ASP F 36 -5.76 -19.91 -16.46
CA ASP F 36 -5.79 -21.00 -17.43
C ASP F 36 -5.20 -22.25 -16.79
N GLU F 37 -5.93 -23.37 -16.84
CA GLU F 37 -5.44 -24.62 -16.26
C GLU F 37 -4.20 -25.13 -16.99
N GLU F 38 -4.07 -24.85 -18.30
CA GLU F 38 -2.92 -25.27 -19.10
C GLU F 38 -1.71 -24.30 -19.03
N GLY F 39 -1.79 -23.26 -18.19
CA GLY F 39 -0.69 -22.33 -17.99
C GLY F 39 -0.43 -21.29 -19.07
N LYS F 40 -1.38 -21.05 -20.00
CA LYS F 40 -1.15 -20.07 -21.06
C LYS F 40 -1.31 -18.63 -20.60
N PHE F 41 -2.17 -18.38 -19.61
CA PHE F 41 -2.45 -17.02 -19.19
C PHE F 41 -3.06 -16.92 -17.80
N VAL F 42 -3.08 -15.68 -17.28
CA VAL F 42 -3.76 -15.26 -16.07
C VAL F 42 -4.60 -14.05 -16.53
N ARG F 43 -5.86 -14.00 -16.14
CA ARG F 43 -6.77 -12.91 -16.51
C ARG F 43 -7.24 -12.16 -15.28
N LEU F 44 -7.09 -10.84 -15.32
CA LEU F 44 -7.50 -9.93 -14.25
C LEU F 44 -8.65 -9.07 -14.74
N ARG F 45 -9.54 -8.65 -13.82
CA ARG F 45 -10.61 -7.75 -14.16
C ARG F 45 -10.74 -6.72 -13.06
N ASN F 46 -10.89 -5.46 -13.47
CA ASN F 46 -11.15 -4.39 -12.54
C ASN F 46 -12.64 -4.46 -12.33
N LYS F 47 -13.06 -4.98 -11.19
CA LYS F 47 -14.48 -5.14 -10.88
C LYS F 47 -15.11 -3.88 -10.25
N SER F 48 -14.36 -2.78 -10.14
CA SER F 48 -14.81 -1.53 -9.54
C SER F 48 -15.29 -0.53 -10.62
N ASN F 49 -15.81 0.63 -10.17
CA ASN F 49 -16.19 1.73 -11.05
C ASN F 49 -15.08 2.79 -11.17
N GLU F 50 -13.86 2.49 -10.68
CA GLU F 50 -12.73 3.40 -10.74
C GLU F 50 -11.54 2.74 -11.40
N ASP F 51 -10.71 3.53 -12.09
CA ASP F 51 -9.50 3.01 -12.72
C ASP F 51 -8.48 2.63 -11.64
N GLN F 52 -7.63 1.64 -11.93
CA GLN F 52 -6.62 1.20 -10.99
C GLN F 52 -5.24 1.36 -11.62
N SER F 53 -4.36 2.13 -10.97
CA SER F 53 -2.98 2.23 -11.41
C SER F 53 -2.29 0.94 -10.90
N MET F 54 -1.58 0.25 -11.79
CA MET F 54 -0.89 -0.99 -11.43
C MET F 54 0.58 -0.99 -11.85
N GLY F 55 1.18 0.19 -11.99
CA GLY F 55 2.58 0.29 -12.36
C GLY F 55 3.48 -0.39 -11.35
N ASN F 56 4.34 -1.30 -11.83
CA ASN F 56 5.23 -2.12 -11.00
C ASN F 56 4.51 -3.14 -10.13
N TRP F 57 3.20 -3.40 -10.37
CA TRP F 57 2.50 -4.43 -9.61
C TRP F 57 3.05 -5.80 -10.02
N GLN F 58 2.78 -6.85 -9.23
CA GLN F 58 3.29 -8.18 -9.52
C GLN F 58 2.21 -9.26 -9.46
N ILE F 59 2.47 -10.36 -10.14
CA ILE F 59 1.63 -11.54 -10.04
C ILE F 59 2.60 -12.60 -9.54
N LYS F 60 2.39 -13.11 -8.33
CA LYS F 60 3.20 -14.18 -7.75
C LYS F 60 2.51 -15.48 -8.08
N ARG F 61 3.21 -16.44 -8.67
CA ARG F 61 2.66 -17.73 -9.07
C ARG F 61 3.46 -18.84 -8.37
N GLN F 62 2.80 -19.57 -7.47
CA GLN F 62 3.38 -20.66 -6.72
C GLN F 62 2.73 -21.97 -7.17
N ASN F 63 3.49 -22.81 -7.89
CA ASN F 63 3.04 -24.10 -8.40
C ASN F 63 3.67 -25.17 -7.52
N GLY F 64 2.88 -25.81 -6.66
CA GLY F 64 3.36 -26.80 -5.71
C GLY F 64 4.49 -26.23 -4.86
N ASP F 65 5.61 -26.96 -4.78
CA ASP F 65 6.81 -26.48 -4.10
C ASP F 65 7.87 -26.00 -5.11
N ASP F 66 7.51 -25.78 -6.40
CA ASP F 66 8.49 -25.32 -7.38
C ASP F 66 8.88 -23.87 -7.07
N PRO F 67 10.06 -23.39 -7.52
CA PRO F 67 10.42 -21.99 -7.23
C PRO F 67 9.38 -20.97 -7.69
N LEU F 68 9.06 -20.01 -6.81
CA LEU F 68 8.08 -18.96 -7.11
C LEU F 68 8.40 -18.22 -8.40
N LEU F 69 7.38 -18.01 -9.24
CA LEU F 69 7.52 -17.21 -10.46
C LEU F 69 6.84 -15.87 -10.14
N THR F 70 7.41 -14.77 -10.60
CA THR F 70 6.83 -13.46 -10.37
C THR F 70 6.86 -12.63 -11.63
N TYR F 71 5.67 -12.24 -12.12
CA TYR F 71 5.53 -11.36 -13.26
C TYR F 71 5.48 -9.93 -12.72
N ARG F 72 6.11 -8.98 -13.41
CA ARG F 72 6.07 -7.57 -13.00
C ARG F 72 5.44 -6.75 -14.11
N PHE F 73 4.38 -6.02 -13.77
CA PHE F 73 3.69 -5.14 -14.70
C PHE F 73 4.60 -4.02 -15.15
N PRO F 74 4.36 -3.40 -16.32
CA PRO F 74 5.17 -2.23 -16.70
C PRO F 74 5.13 -1.12 -15.64
N PRO F 75 6.14 -0.24 -15.60
CA PRO F 75 6.15 0.83 -14.61
C PRO F 75 4.96 1.80 -14.65
N LYS F 76 4.35 1.95 -15.83
CA LYS F 76 3.15 2.75 -15.99
C LYS F 76 2.11 1.84 -16.67
N PHE F 77 1.04 1.53 -15.96
CA PHE F 77 -0.04 0.69 -16.48
C PHE F 77 -1.32 1.01 -15.71
N THR F 78 -2.41 1.34 -16.40
CA THR F 78 -3.69 1.58 -15.77
C THR F 78 -4.67 0.54 -16.27
N LEU F 79 -5.40 -0.10 -15.36
CA LEU F 79 -6.46 -1.03 -15.72
C LEU F 79 -7.75 -0.25 -15.48
N LYS F 80 -8.42 0.17 -16.54
CA LYS F 80 -9.62 0.98 -16.42
C LYS F 80 -10.77 0.23 -15.75
N ALA F 81 -11.70 0.99 -15.14
CA ALA F 81 -12.89 0.47 -14.49
C ALA F 81 -13.64 -0.52 -15.39
N GLY F 82 -13.86 -1.73 -14.89
CA GLY F 82 -14.56 -2.76 -15.63
C GLY F 82 -13.76 -3.52 -16.67
N GLN F 83 -12.49 -3.13 -16.91
CA GLN F 83 -11.66 -3.73 -17.95
C GLN F 83 -10.91 -4.98 -17.52
N VAL F 84 -10.67 -5.86 -18.49
CA VAL F 84 -9.88 -7.07 -18.35
C VAL F 84 -8.52 -6.84 -18.97
N VAL F 85 -7.51 -7.49 -18.38
CA VAL F 85 -6.17 -7.58 -18.92
C VAL F 85 -5.74 -9.03 -18.78
N THR F 86 -5.25 -9.62 -19.86
CA THR F 86 -4.76 -10.98 -19.85
C THR F 86 -3.26 -10.90 -19.94
N ILE F 87 -2.57 -11.59 -19.03
CA ILE F 87 -1.12 -11.67 -19.01
C ILE F 87 -0.80 -13.05 -19.55
N TRP F 88 -0.30 -13.10 -20.77
CA TRP F 88 0.01 -14.32 -21.47
C TRP F 88 1.42 -14.76 -21.24
N ALA F 89 1.64 -16.07 -21.21
CA ALA F 89 2.97 -16.61 -21.20
C ALA F 89 3.49 -16.47 -22.65
N ALA F 90 4.79 -16.30 -22.81
CA ALA F 90 5.40 -16.15 -24.13
C ALA F 90 5.15 -17.32 -25.12
N GLY F 91 4.90 -18.52 -24.61
CA GLY F 91 4.69 -19.70 -25.44
C GLY F 91 3.27 -19.94 -25.93
N ALA F 92 2.29 -19.16 -25.45
CA ALA F 92 0.88 -19.35 -25.84
C ALA F 92 0.50 -18.83 -27.23
N GLY F 93 1.43 -18.22 -27.96
CA GLY F 93 1.16 -17.68 -29.29
C GLY F 93 0.35 -16.38 -29.30
N ALA F 94 0.39 -15.62 -28.18
CA ALA F 94 -0.34 -14.36 -28.04
C ALA F 94 0.57 -13.15 -28.34
N THR F 95 -0.02 -12.01 -28.72
CA THR F 95 0.75 -10.80 -29.06
C THR F 95 0.59 -9.75 -27.95
N HIS F 96 1.64 -8.93 -27.73
CA HIS F 96 1.61 -7.88 -26.71
C HIS F 96 0.81 -6.68 -27.24
N SER F 97 -0.51 -6.62 -26.92
CA SER F 97 -1.41 -5.55 -27.37
C SER F 97 -2.09 -4.83 -26.18
N PRO F 98 -1.37 -3.94 -25.49
CA PRO F 98 -1.97 -3.25 -24.34
C PRO F 98 -3.13 -2.32 -24.69
N PRO F 99 -3.98 -1.98 -23.70
CA PRO F 99 -3.98 -2.43 -22.31
C PRO F 99 -4.71 -3.75 -22.07
N THR F 100 -5.22 -4.43 -23.12
CA THR F 100 -5.98 -5.66 -22.95
C THR F 100 -5.12 -6.92 -22.84
N ASP F 101 -3.99 -6.99 -23.55
CA ASP F 101 -3.16 -8.20 -23.51
C ASP F 101 -1.68 -7.89 -23.39
N LEU F 102 -1.03 -8.46 -22.35
CA LEU F 102 0.40 -8.31 -22.06
C LEU F 102 1.06 -9.66 -22.21
N VAL F 103 2.31 -9.68 -22.66
CA VAL F 103 3.07 -10.93 -22.78
C VAL F 103 4.19 -10.91 -21.76
N TRP F 104 4.37 -12.03 -21.06
CA TRP F 104 5.45 -12.18 -20.11
C TRP F 104 6.64 -12.68 -20.91
N LYS F 105 7.44 -11.74 -21.41
CA LYS F 105 8.61 -11.99 -22.24
C LYS F 105 9.51 -13.13 -21.74
N ALA F 106 9.89 -13.10 -20.47
CA ALA F 106 10.84 -14.07 -19.92
C ALA F 106 10.33 -15.50 -19.78
N GLN F 107 9.01 -15.67 -19.75
CA GLN F 107 8.38 -16.90 -19.33
C GLN F 107 7.41 -17.54 -20.34
N ASN F 108 7.70 -18.79 -20.80
CA ASN F 108 6.87 -19.51 -21.77
C ASN F 108 5.64 -20.23 -21.20
N THR F 109 5.50 -20.35 -19.88
CA THR F 109 4.35 -20.96 -19.22
C THR F 109 4.15 -20.35 -17.84
N TRP F 110 2.89 -20.35 -17.33
CA TRP F 110 2.63 -19.98 -15.94
C TRP F 110 2.92 -21.17 -14.98
N GLY F 111 3.15 -22.38 -15.49
CA GLY F 111 3.50 -23.54 -14.68
C GLY F 111 2.35 -24.46 -14.37
N GLY F 113 1.16 -28.22 -11.97
CA GLY F 113 1.28 -28.86 -10.68
C GLY F 113 -0.08 -29.18 -10.10
N ASN F 114 -0.08 -29.72 -8.89
CA ASN F 114 -1.32 -30.07 -8.19
C ASN F 114 -1.96 -28.87 -7.50
N SER F 115 -1.17 -27.86 -7.16
CA SER F 115 -1.63 -26.66 -6.45
C SER F 115 -1.04 -25.48 -7.22
N LEU F 116 -1.89 -24.61 -7.77
CA LEU F 116 -1.44 -23.45 -8.56
C LEU F 116 -2.02 -22.20 -7.90
N ARG F 117 -1.18 -21.39 -7.27
CA ARG F 117 -1.62 -20.19 -6.57
C ARG F 117 -1.13 -18.94 -7.31
N THR F 118 -2.08 -18.15 -7.84
CA THR F 118 -1.80 -16.92 -8.56
C THR F 118 -2.28 -15.77 -7.69
N ALA F 119 -1.38 -14.87 -7.31
CA ALA F 119 -1.71 -13.74 -6.46
C ALA F 119 -1.32 -12.42 -7.07
N LEU F 120 -2.19 -11.41 -6.94
CA LEU F 120 -1.92 -10.06 -7.42
C LEU F 120 -1.40 -9.24 -6.25
N ILE F 121 -0.26 -8.62 -6.45
CA ILE F 121 0.45 -7.87 -5.44
C ILE F 121 0.64 -6.46 -5.94
N ASN F 122 0.48 -5.48 -5.05
CA ASN F 122 0.77 -4.11 -5.44
C ASN F 122 2.30 -3.90 -5.48
N SER F 123 2.76 -2.73 -5.87
CA SER F 123 4.20 -2.46 -6.00
C SER F 123 4.97 -2.49 -4.67
N THR F 124 4.27 -2.50 -3.53
CA THR F 124 4.89 -2.51 -2.21
C THR F 124 4.73 -3.83 -1.44
N GLY F 125 4.38 -4.90 -2.13
CA GLY F 125 4.32 -6.22 -1.52
C GLY F 125 3.00 -6.65 -0.91
N GLU F 126 1.93 -5.86 -1.09
N GLU F 126 1.93 -5.85 -1.10
CA GLU F 126 0.62 -6.20 -0.53
CA GLU F 126 0.61 -6.21 -0.57
C GLU F 126 -0.18 -7.10 -1.45
C GLU F 126 -0.15 -7.13 -1.48
N GLU F 127 -0.60 -8.28 -0.95
CA GLU F 127 -1.44 -9.19 -1.70
C GLU F 127 -2.85 -8.62 -1.62
N VAL F 128 -3.39 -8.22 -2.77
CA VAL F 128 -4.71 -7.61 -2.91
C VAL F 128 -5.73 -8.56 -3.54
N ALA F 129 -5.29 -9.67 -4.15
CA ALA F 129 -6.20 -10.64 -4.74
C ALA F 129 -5.47 -11.97 -5.03
N MET F 130 -6.24 -13.03 -5.18
CA MET F 130 -5.69 -14.31 -5.55
C MET F 130 -6.75 -15.23 -6.10
N ARG F 131 -6.28 -16.20 -6.88
CA ARG F 131 -7.07 -17.31 -7.37
C ARG F 131 -6.16 -18.52 -7.27
N LYS F 132 -6.64 -19.58 -6.61
N LYS F 132 -6.66 -19.59 -6.63
CA LYS F 132 -5.88 -20.81 -6.39
CA LYS F 132 -5.94 -20.84 -6.40
C LYS F 132 -6.63 -21.99 -6.96
C LYS F 132 -6.67 -21.99 -7.04
N LEU F 133 -5.92 -22.85 -7.70
CA LEU F 133 -6.47 -24.03 -8.34
C LEU F 133 -5.83 -25.23 -7.66
N VAL F 134 -6.66 -26.10 -7.08
CA VAL F 134 -6.19 -27.28 -6.39
C VAL F 134 -6.78 -28.50 -7.08
N ARG F 135 -5.92 -29.43 -7.48
CA ARG F 135 -6.35 -30.62 -8.21
C ARG F 135 -7.17 -31.53 -7.26
N SER F 136 -8.31 -32.05 -7.77
CA SER F 136 -9.28 -32.91 -7.06
C SER F 136 -8.72 -34.24 -6.61
#